data_1ESZ
#
_entry.id   1ESZ
#
_cell.length_a   86.09
_cell.length_b   86.09
_cell.length_c   91.94
_cell.angle_alpha   90
_cell.angle_beta   90
_cell.angle_gamma   120
#
_symmetry.space_group_name_H-M   'P 63'
#
loop_
_entity.id
_entity.type
_entity.pdbx_description
1 polymer 'FERRICHROME-BINDING PERIPLASMIC PROTEIN'
2 non-polymer COPROGEN
3 water water
#
_entity_poly.entity_id   1
_entity_poly.type   'polypeptide(L)'
_entity_poly.pdbx_seq_one_letter_code
;AAIDPNRIVALEWLPVELLLALGIVPYGVADTINYRLWVSEPPLPDSVIDVGLRTEPNLELLTEMKPSFMVWSAGYGPSP
EMLARIAPGRGFNFSDGKQPLAMARKSLTEMADLLNLQSAAETHLAQYEDFIRSMKPRFVKRGARPLLLTTLIDPRHMLV
FGPNSLFQEILDEYGIPNAWQGETNFWGSTAVSIDRLAAYKDVDVLCFDHDNSKDMDALMATPLWQAMPFVRAGRFQRVP
AVWFYGATLSAMHFVRVLDNAIGGKA
;
_entity_poly.pdbx_strand_id   A
#
loop_
_chem_comp.id
_chem_comp.type
_chem_comp.name
_chem_comp.formula
CPO non-polymer COPROGEN 'C35 H53 Fe N6 O13'
#
# COMPACT_ATOMS: atom_id res chain seq x y z
N ILE A 3 -6.56 17.40 17.71
CA ILE A 3 -6.83 18.86 17.79
C ILE A 3 -5.59 19.65 17.35
N ASP A 4 -4.43 19.45 17.98
CA ASP A 4 -3.21 20.16 17.55
C ASP A 4 -2.67 19.41 16.34
N PRO A 5 -2.81 19.98 15.14
CA PRO A 5 -2.34 19.36 13.90
C PRO A 5 -0.85 19.05 13.79
N ASN A 6 -0.05 19.61 14.70
CA ASN A 6 1.38 19.35 14.64
C ASN A 6 1.86 18.36 15.71
N ARG A 7 0.92 17.76 16.44
CA ARG A 7 1.27 16.79 17.46
C ARG A 7 0.55 15.45 17.28
N ILE A 8 0.40 15.06 16.02
CA ILE A 8 -0.27 13.80 15.67
C ILE A 8 0.75 12.70 15.40
N VAL A 9 0.59 11.55 16.06
CA VAL A 9 1.47 10.41 15.87
C VAL A 9 0.72 9.31 15.10
N ALA A 10 1.29 8.84 14.00
CA ALA A 10 0.68 7.78 13.19
C ALA A 10 1.40 6.47 13.48
N LEU A 11 0.68 5.53 14.08
CA LEU A 11 1.23 4.23 14.45
C LEU A 11 1.20 3.17 13.36
N GLU A 12 0.67 3.51 12.19
CA GLU A 12 0.61 2.58 11.08
C GLU A 12 0.70 3.43 9.82
N TRP A 13 1.20 2.85 8.73
CA TRP A 13 1.39 3.61 7.51
C TRP A 13 0.15 4.08 6.74
N LEU A 14 -1.00 3.43 6.93
CA LEU A 14 -2.21 3.86 6.23
C LEU A 14 -2.55 5.30 6.62
N PRO A 15 -2.72 5.59 7.93
CA PRO A 15 -3.05 6.97 8.32
C PRO A 15 -1.91 7.97 8.09
N VAL A 16 -0.71 7.47 7.87
CA VAL A 16 0.43 8.35 7.59
C VAL A 16 0.12 8.99 6.25
N GLU A 17 -0.33 8.16 5.31
CA GLU A 17 -0.66 8.62 3.98
C GLU A 17 -1.86 9.57 3.96
N LEU A 18 -2.85 9.29 4.82
CA LEU A 18 -4.02 10.15 4.91
C LEU A 18 -3.58 11.53 5.40
N LEU A 19 -2.70 11.57 6.40
CA LEU A 19 -2.21 12.84 6.94
C LEU A 19 -1.42 13.64 5.90
N LEU A 20 -0.49 12.98 5.23
CA LEU A 20 0.32 13.65 4.22
C LEU A 20 -0.54 14.18 3.08
N ALA A 21 -1.59 13.45 2.73
CA ALA A 21 -2.47 13.89 1.66
C ALA A 21 -3.12 15.22 2.02
N LEU A 22 -3.37 15.43 3.32
CA LEU A 22 -3.99 16.66 3.78
C LEU A 22 -2.98 17.73 4.18
N GLY A 23 -1.71 17.51 3.85
CA GLY A 23 -0.68 18.49 4.18
C GLY A 23 -0.20 18.53 5.61
N ILE A 24 -0.55 17.52 6.41
CA ILE A 24 -0.12 17.47 7.80
C ILE A 24 1.23 16.79 7.95
N VAL A 25 2.12 17.40 8.73
CA VAL A 25 3.43 16.80 8.97
C VAL A 25 3.34 16.01 10.27
N PRO A 26 3.38 14.68 10.18
CA PRO A 26 3.29 13.83 11.37
C PRO A 26 4.37 14.12 12.42
N TYR A 27 3.93 14.25 13.67
CA TYR A 27 4.79 14.50 14.82
C TYR A 27 5.67 13.27 15.03
N GLY A 28 5.08 12.10 14.88
CA GLY A 28 5.80 10.85 15.04
C GLY A 28 5.22 9.78 14.13
N VAL A 29 6.07 8.86 13.67
CA VAL A 29 5.64 7.77 12.80
C VAL A 29 6.32 6.46 13.16
N ALA A 30 5.55 5.38 13.20
CA ALA A 30 6.11 4.07 13.53
C ALA A 30 6.86 3.47 12.34
N ASP A 31 8.07 3.00 12.60
CA ASP A 31 8.93 2.37 11.59
C ASP A 31 9.15 3.23 10.33
N THR A 32 9.80 4.38 10.52
CA THR A 32 10.10 5.29 9.43
C THR A 32 11.06 4.64 8.43
N ILE A 33 11.98 3.83 8.95
CA ILE A 33 12.96 3.15 8.12
C ILE A 33 12.27 2.37 7.00
N ASN A 34 11.40 1.44 7.40
CA ASN A 34 10.71 0.62 6.42
C ASN A 34 9.63 1.36 5.66
N TYR A 35 9.15 2.46 6.22
CA TYR A 35 8.14 3.25 5.52
C TYR A 35 8.81 3.83 4.29
N ARG A 36 10.08 4.17 4.46
CA ARG A 36 10.88 4.76 3.38
C ARG A 36 11.16 3.78 2.25
N LEU A 37 11.25 2.49 2.56
CA LEU A 37 11.54 1.53 1.51
C LEU A 37 10.35 0.69 1.03
N TRP A 38 9.24 0.69 1.78
CA TRP A 38 8.05 -0.05 1.36
C TRP A 38 6.99 0.88 0.77
N VAL A 39 6.91 2.10 1.30
CA VAL A 39 5.95 3.10 0.81
C VAL A 39 6.70 4.08 -0.07
N SER A 40 7.85 4.53 0.44
CA SER A 40 8.73 5.45 -0.26
C SER A 40 8.18 6.74 -0.86
N GLU A 41 7.35 6.61 -1.90
CA GLU A 41 6.80 7.77 -2.60
C GLU A 41 6.45 8.93 -1.66
N PRO A 42 5.38 8.79 -0.86
CA PRO A 42 5.06 9.91 0.04
C PRO A 42 6.28 10.12 0.96
N PRO A 43 7.07 11.17 0.72
CA PRO A 43 8.27 11.48 1.51
C PRO A 43 8.02 11.97 2.94
N LEU A 44 8.77 11.42 3.88
CA LEU A 44 8.67 11.81 5.28
C LEU A 44 9.88 12.64 5.68
N PRO A 45 9.66 13.88 6.12
CA PRO A 45 10.80 14.71 6.52
C PRO A 45 11.62 14.09 7.64
N ASP A 46 12.93 14.35 7.63
CA ASP A 46 13.84 13.81 8.64
C ASP A 46 13.46 14.19 10.06
N SER A 47 12.75 15.29 10.22
CA SER A 47 12.35 15.77 11.54
C SER A 47 11.40 14.80 12.25
N VAL A 48 10.72 13.96 11.49
CA VAL A 48 9.77 13.01 12.07
C VAL A 48 10.43 12.05 13.04
N ILE A 49 9.83 11.96 14.23
CA ILE A 49 10.31 11.08 15.28
C ILE A 49 9.83 9.66 15.02
N ASP A 50 10.74 8.70 15.09
CA ASP A 50 10.39 7.30 14.88
C ASP A 50 9.93 6.73 16.23
N VAL A 51 8.75 6.13 16.25
CA VAL A 51 8.22 5.60 17.51
C VAL A 51 8.25 4.08 17.63
N GLY A 52 9.11 3.44 16.86
CA GLY A 52 9.22 1.99 16.93
C GLY A 52 8.39 1.26 15.89
N LEU A 53 8.39 -0.07 15.97
CA LEU A 53 7.66 -0.90 15.02
C LEU A 53 6.15 -0.78 15.19
N ARG A 54 5.44 -0.80 14.07
CA ARG A 54 3.98 -0.69 14.08
C ARG A 54 3.37 -1.77 14.95
N THR A 55 4.03 -2.92 15.01
CA THR A 55 3.54 -4.04 15.80
C THR A 55 3.98 -4.00 17.26
N GLU A 56 4.91 -3.11 17.60
CA GLU A 56 5.38 -3.02 18.96
C GLU A 56 5.93 -1.62 19.22
N PRO A 57 5.08 -0.59 19.08
CA PRO A 57 5.51 0.79 19.30
C PRO A 57 6.09 1.03 20.68
N ASN A 58 7.05 1.95 20.76
CA ASN A 58 7.70 2.29 22.00
C ASN A 58 6.70 3.02 22.90
N LEU A 59 5.98 2.27 23.72
CA LEU A 59 4.97 2.86 24.60
C LEU A 59 5.53 3.91 25.55
N GLU A 60 6.78 3.74 25.95
CA GLU A 60 7.43 4.70 26.84
C GLU A 60 7.58 6.03 26.11
N LEU A 61 8.19 5.99 24.93
CA LEU A 61 8.39 7.18 24.12
C LEU A 61 7.07 7.90 23.86
N LEU A 62 6.03 7.14 23.49
CA LEU A 62 4.73 7.74 23.22
C LEU A 62 4.22 8.55 24.42
N THR A 63 4.33 7.96 25.60
CA THR A 63 3.89 8.64 26.81
C THR A 63 4.71 9.92 27.01
N GLU A 64 6.02 9.81 26.85
CA GLU A 64 6.88 10.98 27.02
C GLU A 64 6.50 12.07 26.02
N MET A 65 6.18 11.67 24.79
CA MET A 65 5.81 12.62 23.74
C MET A 65 4.53 13.42 23.95
N LYS A 66 3.58 12.84 24.67
CA LYS A 66 2.29 13.51 24.90
C LYS A 66 1.64 13.86 23.55
N PRO A 67 1.30 12.84 22.75
CA PRO A 67 0.68 13.10 21.45
C PRO A 67 -0.66 13.80 21.65
N SER A 68 -1.03 14.65 20.71
CA SER A 68 -2.30 15.34 20.82
C SER A 68 -3.38 14.36 20.39
N PHE A 69 -3.03 13.53 19.41
CA PHE A 69 -3.96 12.55 18.85
C PHE A 69 -3.11 11.47 18.21
N MET A 70 -3.62 10.24 18.19
CA MET A 70 -2.90 9.12 17.56
C MET A 70 -3.79 8.43 16.53
N VAL A 71 -3.21 8.00 15.43
CA VAL A 71 -3.97 7.32 14.39
C VAL A 71 -3.31 6.00 14.03
N TRP A 72 -4.13 4.99 13.75
CA TRP A 72 -3.64 3.66 13.44
C TRP A 72 -4.60 2.90 12.53
N SER A 73 -4.24 1.65 12.21
CA SER A 73 -5.07 0.81 11.35
C SER A 73 -5.93 -0.15 12.16
N ALA A 74 -7.21 -0.24 11.80
CA ALA A 74 -8.17 -1.11 12.47
C ALA A 74 -7.73 -2.56 12.48
N GLY A 75 -7.84 -3.20 13.65
CA GLY A 75 -7.46 -4.60 13.78
C GLY A 75 -5.98 -4.92 13.58
N TYR A 76 -5.14 -3.90 13.59
CA TYR A 76 -3.69 -4.09 13.39
C TYR A 76 -2.91 -3.40 14.52
N GLY A 77 -1.87 -4.07 15.03
CA GLY A 77 -1.07 -3.47 16.08
C GLY A 77 -1.62 -3.55 17.50
N PRO A 78 -1.25 -2.60 18.36
CA PRO A 78 -1.69 -2.56 19.76
C PRO A 78 -3.21 -2.47 19.91
N SER A 79 -3.72 -2.96 21.03
CA SER A 79 -5.16 -2.93 21.27
C SER A 79 -5.60 -1.46 21.38
N PRO A 80 -6.74 -1.10 20.76
CA PRO A 80 -7.24 0.28 20.82
C PRO A 80 -7.59 0.71 22.23
N GLU A 81 -8.01 -0.24 23.06
CA GLU A 81 -8.37 0.06 24.43
C GLU A 81 -7.12 0.55 25.18
N MET A 82 -6.00 -0.11 24.93
CA MET A 82 -4.74 0.25 25.57
C MET A 82 -4.21 1.56 25.01
N LEU A 83 -4.26 1.71 23.68
CA LEU A 83 -3.78 2.93 23.05
C LEU A 83 -4.53 4.14 23.57
N ALA A 84 -5.85 4.01 23.65
CA ALA A 84 -6.70 5.10 24.12
C ALA A 84 -6.31 5.56 25.52
N ARG A 85 -5.50 4.76 26.20
CA ARG A 85 -5.05 5.11 27.54
C ARG A 85 -3.90 6.11 27.47
N ILE A 86 -3.18 6.09 26.35
CA ILE A 86 -2.05 6.99 26.15
C ILE A 86 -2.49 8.38 25.70
N ALA A 87 -3.40 8.43 24.73
CA ALA A 87 -3.87 9.70 24.23
C ALA A 87 -5.10 9.50 23.34
N PRO A 88 -5.84 10.58 23.05
CA PRO A 88 -7.02 10.44 22.19
C PRO A 88 -6.57 9.87 20.84
N GLY A 89 -7.46 9.14 20.16
CA GLY A 89 -7.07 8.58 18.89
C GLY A 89 -8.21 8.02 18.07
N ARG A 90 -7.86 7.48 16.90
CA ARG A 90 -8.84 6.89 15.99
C ARG A 90 -8.17 5.86 15.09
N GLY A 91 -8.82 4.70 14.95
CA GLY A 91 -8.30 3.66 14.08
C GLY A 91 -8.99 3.80 12.73
N PHE A 92 -8.26 3.59 11.65
CA PHE A 92 -8.87 3.71 10.33
C PHE A 92 -8.96 2.36 9.64
N ASN A 93 -10.01 2.19 8.84
CA ASN A 93 -10.23 0.95 8.11
C ASN A 93 -9.55 1.02 6.75
N PHE A 94 -8.94 -0.08 6.36
CA PHE A 94 -8.28 -0.16 5.07
C PHE A 94 -9.31 -0.51 4.01
N SER A 95 -10.32 -1.27 4.40
CA SER A 95 -11.33 -1.73 3.46
C SER A 95 -12.59 -2.22 4.18
N ASP A 96 -13.56 -2.67 3.39
CA ASP A 96 -14.80 -3.24 3.92
C ASP A 96 -14.71 -4.72 3.56
N GLY A 97 -13.52 -5.13 3.13
CA GLY A 97 -13.29 -6.51 2.75
C GLY A 97 -13.40 -6.73 1.24
N LYS A 98 -13.91 -5.73 0.53
CA LYS A 98 -14.07 -5.83 -0.90
C LYS A 98 -13.47 -4.68 -1.71
N GLN A 99 -13.71 -3.44 -1.28
CA GLN A 99 -13.21 -2.28 -2.01
C GLN A 99 -12.39 -1.32 -1.17
N PRO A 100 -11.06 -1.52 -1.16
CA PRO A 100 -10.16 -0.67 -0.38
C PRO A 100 -10.15 0.81 -0.79
N LEU A 101 -10.20 1.08 -2.09
CA LEU A 101 -10.16 2.48 -2.55
C LEU A 101 -11.41 3.26 -2.18
N ALA A 102 -12.54 2.57 -2.12
CA ALA A 102 -13.78 3.23 -1.75
C ALA A 102 -13.59 3.65 -0.29
N MET A 103 -13.03 2.76 0.50
CA MET A 103 -12.79 3.07 1.91
C MET A 103 -11.75 4.19 2.05
N ALA A 104 -10.74 4.18 1.19
CA ALA A 104 -9.71 5.22 1.27
C ALA A 104 -10.34 6.59 1.16
N ARG A 105 -11.24 6.76 0.20
CA ARG A 105 -11.89 8.06 0.02
C ARG A 105 -12.70 8.44 1.25
N LYS A 106 -13.32 7.45 1.89
CA LYS A 106 -14.10 7.72 3.10
C LYS A 106 -13.18 8.03 4.28
N SER A 107 -12.08 7.30 4.38
CA SER A 107 -11.14 7.54 5.47
C SER A 107 -10.51 8.92 5.38
N LEU A 108 -10.21 9.36 4.17
CA LEU A 108 -9.60 10.68 3.94
C LEU A 108 -10.58 11.77 4.39
N THR A 109 -11.84 11.60 4.01
CA THR A 109 -12.89 12.54 4.36
C THR A 109 -13.03 12.60 5.89
N GLU A 110 -13.02 11.43 6.49
CA GLU A 110 -13.12 11.27 7.94
C GLU A 110 -12.00 12.01 8.66
N MET A 111 -10.77 11.76 8.23
CA MET A 111 -9.60 12.41 8.82
C MET A 111 -9.71 13.93 8.67
N ALA A 112 -10.12 14.36 7.47
CA ALA A 112 -10.24 15.78 7.20
C ALA A 112 -11.30 16.44 8.09
N ASP A 113 -12.38 15.72 8.38
CA ASP A 113 -13.44 16.27 9.22
C ASP A 113 -12.91 16.44 10.65
N LEU A 114 -12.13 15.47 11.11
CA LEU A 114 -11.56 15.53 12.45
C LEU A 114 -10.63 16.73 12.59
N LEU A 115 -9.92 17.07 11.52
CA LEU A 115 -8.96 18.17 11.56
C LEU A 115 -9.45 19.45 10.91
N ASN A 116 -10.72 19.49 10.53
CA ASN A 116 -11.31 20.65 9.88
C ASN A 116 -10.50 21.09 8.65
N LEU A 117 -10.14 20.12 7.83
CA LEU A 117 -9.41 20.37 6.59
C LEU A 117 -10.31 19.84 5.47
N GLN A 118 -11.61 20.09 5.61
CA GLN A 118 -12.59 19.62 4.62
C GLN A 118 -12.27 20.03 3.19
N SER A 119 -11.88 21.29 3.00
CA SER A 119 -11.56 21.78 1.67
C SER A 119 -10.32 21.11 1.10
N ALA A 120 -9.29 20.97 1.93
CA ALA A 120 -8.06 20.32 1.50
C ALA A 120 -8.36 18.91 1.01
N ALA A 121 -9.25 18.21 1.69
CA ALA A 121 -9.61 16.84 1.29
C ALA A 121 -10.27 16.84 -0.08
N GLU A 122 -11.18 17.78 -0.29
CA GLU A 122 -11.88 17.88 -1.56
C GLU A 122 -10.92 18.14 -2.71
N THR A 123 -9.94 19.01 -2.48
CA THR A 123 -8.95 19.32 -3.51
C THR A 123 -8.09 18.11 -3.85
N HIS A 124 -7.70 17.34 -2.84
CA HIS A 124 -6.88 16.16 -3.08
C HIS A 124 -7.68 15.09 -3.82
N LEU A 125 -8.92 14.88 -3.37
CA LEU A 125 -9.79 13.89 -3.98
C LEU A 125 -10.08 14.23 -5.45
N ALA A 126 -10.16 15.52 -5.77
CA ALA A 126 -10.38 15.92 -7.16
C ALA A 126 -9.12 15.57 -7.95
N GLN A 127 -7.96 15.87 -7.36
CA GLN A 127 -6.69 15.58 -8.00
C GLN A 127 -6.59 14.08 -8.26
N TYR A 128 -7.01 13.29 -7.27
CA TYR A 128 -6.96 11.84 -7.39
C TYR A 128 -7.82 11.32 -8.55
N GLU A 129 -9.09 11.69 -8.56
CA GLU A 129 -9.98 11.20 -9.61
C GLU A 129 -9.59 11.67 -11.00
N ASP A 130 -9.09 12.90 -11.09
CA ASP A 130 -8.67 13.43 -12.38
C ASP A 130 -7.43 12.67 -12.88
N PHE A 131 -6.46 12.47 -12.01
CA PHE A 131 -5.24 11.77 -12.39
C PHE A 131 -5.55 10.37 -12.89
N ILE A 132 -6.34 9.62 -12.12
CA ILE A 132 -6.71 8.26 -12.52
C ILE A 132 -7.34 8.25 -13.91
N ARG A 133 -8.34 9.10 -14.11
CA ARG A 133 -9.01 9.17 -15.41
C ARG A 133 -8.11 9.62 -16.55
N SER A 134 -7.22 10.58 -16.27
CA SER A 134 -6.32 11.08 -17.32
C SER A 134 -5.38 10.02 -17.90
N MET A 135 -5.04 9.03 -17.08
CA MET A 135 -4.11 7.96 -17.48
C MET A 135 -4.73 6.76 -18.18
N LYS A 136 -6.06 6.73 -18.23
CA LYS A 136 -6.78 5.63 -18.85
C LYS A 136 -6.31 5.33 -20.28
N PRO A 137 -6.12 6.36 -21.11
CA PRO A 137 -5.67 6.14 -22.49
C PRO A 137 -4.29 5.48 -22.64
N ARG A 138 -3.48 5.53 -21.58
CA ARG A 138 -2.15 4.91 -21.62
C ARG A 138 -2.22 3.39 -21.63
N PHE A 139 -3.42 2.85 -21.46
CA PHE A 139 -3.59 1.40 -21.44
C PHE A 139 -4.62 0.90 -22.44
N VAL A 140 -4.96 1.74 -23.41
CA VAL A 140 -5.95 1.35 -24.40
C VAL A 140 -5.31 0.39 -25.42
N LYS A 141 -3.99 0.43 -25.49
CA LYS A 141 -3.22 -0.41 -26.41
C LYS A 141 -3.36 -1.89 -26.10
N ARG A 142 -3.12 -2.27 -24.84
CA ARG A 142 -3.22 -3.67 -24.47
C ARG A 142 -4.65 -4.15 -24.52
N GLY A 143 -4.82 -5.46 -24.73
CA GLY A 143 -6.15 -6.02 -24.80
C GLY A 143 -6.64 -6.54 -23.46
N ALA A 144 -7.05 -7.81 -23.46
CA ALA A 144 -7.54 -8.43 -22.24
C ALA A 144 -6.50 -9.28 -21.53
N ARG A 145 -5.25 -9.18 -21.96
CA ARG A 145 -4.20 -9.97 -21.32
C ARG A 145 -4.19 -9.66 -19.82
N PRO A 146 -4.45 -10.68 -18.99
CA PRO A 146 -4.45 -10.47 -17.54
C PRO A 146 -3.11 -10.01 -16.98
N LEU A 147 -3.15 -9.53 -15.75
CA LEU A 147 -1.97 -9.03 -15.07
C LEU A 147 -1.85 -9.68 -13.70
N LEU A 148 -0.64 -10.08 -13.33
CA LEU A 148 -0.40 -10.68 -12.04
C LEU A 148 0.46 -9.70 -11.23
N LEU A 149 -0.02 -9.31 -10.06
CA LEU A 149 0.72 -8.37 -9.20
C LEU A 149 1.28 -9.16 -8.02
N THR A 150 2.59 -9.05 -7.80
CA THR A 150 3.25 -9.80 -6.73
C THR A 150 4.39 -9.06 -6.05
N THR A 151 4.94 -9.71 -5.03
CA THR A 151 6.10 -9.23 -4.31
C THR A 151 6.67 -10.45 -3.60
N LEU A 152 8.00 -10.56 -3.61
CA LEU A 152 8.67 -11.69 -3.00
C LEU A 152 8.85 -11.52 -1.49
N ILE A 153 8.29 -12.45 -0.72
CA ILE A 153 8.39 -12.42 0.73
C ILE A 153 9.73 -13.04 1.13
N ASP A 154 10.00 -14.21 0.56
CA ASP A 154 11.25 -14.92 0.80
C ASP A 154 11.39 -15.85 -0.40
N PRO A 155 12.58 -16.43 -0.61
CA PRO A 155 12.78 -17.33 -1.76
C PRO A 155 11.71 -18.39 -2.00
N ARG A 156 11.00 -18.80 -0.93
CA ARG A 156 9.97 -19.83 -1.04
C ARG A 156 8.52 -19.35 -1.05
N HIS A 157 8.29 -18.04 -0.97
CA HIS A 157 6.92 -17.53 -0.95
C HIS A 157 6.73 -16.18 -1.63
N MET A 158 5.67 -16.11 -2.44
CA MET A 158 5.33 -14.89 -3.16
C MET A 158 3.97 -14.39 -2.74
N LEU A 159 3.88 -13.10 -2.46
CA LEU A 159 2.60 -12.50 -2.12
C LEU A 159 1.95 -12.14 -3.44
N VAL A 160 0.65 -12.41 -3.56
CA VAL A 160 -0.10 -12.12 -4.76
C VAL A 160 -1.33 -11.30 -4.35
N PHE A 161 -1.72 -10.32 -5.17
CA PHE A 161 -2.86 -9.47 -4.85
C PHE A 161 -4.10 -9.75 -5.69
N GLY A 162 -5.19 -10.10 -5.00
CA GLY A 162 -6.43 -10.43 -5.68
C GLY A 162 -7.47 -9.37 -5.93
N PRO A 163 -8.72 -9.80 -6.20
CA PRO A 163 -9.86 -8.92 -6.49
C PRO A 163 -10.22 -7.89 -5.44
N ASN A 164 -9.93 -8.17 -4.17
CA ASN A 164 -10.25 -7.21 -3.12
C ASN A 164 -9.02 -6.44 -2.66
N SER A 165 -7.97 -6.42 -3.48
CA SER A 165 -6.75 -5.70 -3.14
C SER A 165 -6.92 -4.23 -3.51
N LEU A 166 -6.00 -3.40 -3.04
CA LEU A 166 -6.05 -1.97 -3.30
C LEU A 166 -6.07 -1.66 -4.80
N PHE A 167 -5.30 -2.43 -5.57
CA PHE A 167 -5.17 -2.21 -7.02
C PHE A 167 -6.34 -2.55 -7.93
N GLN A 168 -7.23 -3.45 -7.50
CA GLN A 168 -8.33 -3.88 -8.36
C GLN A 168 -9.18 -2.78 -8.97
N GLU A 169 -9.61 -1.81 -8.16
CA GLU A 169 -10.45 -0.74 -8.69
C GLU A 169 -9.78 -0.05 -9.88
N ILE A 170 -8.47 0.15 -9.78
CA ILE A 170 -7.76 0.81 -10.85
C ILE A 170 -7.68 -0.08 -12.08
N LEU A 171 -7.45 -1.38 -11.88
CA LEU A 171 -7.40 -2.32 -12.98
C LEU A 171 -8.75 -2.37 -13.68
N ASP A 172 -9.83 -2.30 -12.90
CA ASP A 172 -11.18 -2.32 -13.47
C ASP A 172 -11.43 -1.10 -14.33
N GLU A 173 -10.94 0.06 -13.90
CA GLU A 173 -11.15 1.29 -14.66
C GLU A 173 -10.33 1.26 -15.95
N TYR A 174 -9.18 0.60 -15.92
CA TYR A 174 -8.32 0.52 -17.10
C TYR A 174 -8.56 -0.71 -17.99
N GLY A 175 -9.55 -1.52 -17.63
CA GLY A 175 -9.86 -2.70 -18.43
C GLY A 175 -8.81 -3.80 -18.42
N ILE A 176 -8.05 -3.88 -17.33
CA ILE A 176 -7.02 -4.89 -17.17
C ILE A 176 -7.50 -5.99 -16.24
N PRO A 177 -7.69 -7.23 -16.75
CA PRO A 177 -8.15 -8.31 -15.88
C PRO A 177 -7.07 -8.70 -14.88
N ASN A 178 -7.50 -9.08 -13.68
CA ASN A 178 -6.56 -9.51 -12.65
C ASN A 178 -6.43 -11.02 -12.77
N ALA A 179 -5.20 -11.48 -13.03
CA ALA A 179 -4.93 -12.90 -13.17
C ALA A 179 -5.23 -13.74 -11.93
N TRP A 180 -5.12 -13.15 -10.74
CA TRP A 180 -5.40 -13.92 -9.53
C TRP A 180 -6.85 -13.80 -9.08
N GLN A 181 -7.58 -14.91 -9.17
CA GLN A 181 -8.97 -14.95 -8.77
C GLN A 181 -9.16 -15.95 -7.63
N GLY A 182 -8.05 -16.37 -7.04
CA GLY A 182 -8.12 -17.31 -5.94
C GLY A 182 -8.46 -16.64 -4.62
N GLU A 183 -8.19 -17.36 -3.53
CA GLU A 183 -8.47 -16.84 -2.20
C GLU A 183 -7.55 -15.68 -1.84
N THR A 184 -8.02 -14.85 -0.92
CA THR A 184 -7.25 -13.70 -0.44
C THR A 184 -7.60 -13.49 1.02
N ASN A 185 -6.79 -12.68 1.70
CA ASN A 185 -7.06 -12.35 3.08
C ASN A 185 -7.90 -11.06 3.01
N PHE A 186 -8.25 -10.52 4.17
CA PHE A 186 -9.04 -9.30 4.24
C PHE A 186 -8.44 -8.17 3.44
N TRP A 187 -7.11 -8.03 3.51
CA TRP A 187 -6.42 -6.95 2.82
C TRP A 187 -6.16 -7.16 1.33
N GLY A 188 -6.69 -8.25 0.77
CA GLY A 188 -6.53 -8.52 -0.65
C GLY A 188 -5.30 -9.27 -1.13
N SER A 189 -4.59 -9.94 -0.23
CA SER A 189 -3.40 -10.69 -0.64
C SER A 189 -3.40 -12.13 -0.12
N THR A 190 -2.43 -12.90 -0.59
CA THR A 190 -2.26 -14.29 -0.16
C THR A 190 -0.86 -14.76 -0.57
N ALA A 191 -0.24 -15.56 0.28
CA ALA A 191 1.10 -16.06 0.03
C ALA A 191 1.05 -17.42 -0.65
N VAL A 192 1.78 -17.58 -1.74
CA VAL A 192 1.79 -18.83 -2.46
C VAL A 192 3.20 -19.32 -2.73
N SER A 193 3.33 -20.64 -2.86
CA SER A 193 4.61 -21.25 -3.17
C SER A 193 4.91 -20.92 -4.64
N ILE A 194 6.20 -20.81 -4.97
CA ILE A 194 6.60 -20.44 -6.32
C ILE A 194 6.00 -21.31 -7.42
N ASP A 195 5.80 -22.60 -7.14
CA ASP A 195 5.24 -23.49 -8.14
C ASP A 195 3.84 -23.09 -8.58
N ARG A 196 3.07 -22.53 -7.64
CA ARG A 196 1.71 -22.12 -7.94
C ARG A 196 1.68 -21.04 -9.03
N LEU A 197 2.80 -20.39 -9.25
CA LEU A 197 2.87 -19.33 -10.25
C LEU A 197 3.09 -19.87 -11.65
N ALA A 198 3.54 -21.11 -11.75
CA ALA A 198 3.81 -21.74 -13.04
C ALA A 198 2.52 -21.97 -13.83
N ALA A 199 1.39 -21.95 -13.12
CA ALA A 199 0.10 -22.15 -13.77
C ALA A 199 -0.20 -21.05 -14.78
N TYR A 200 0.30 -19.85 -14.53
CA TYR A 200 0.04 -18.73 -15.43
C TYR A 200 0.98 -18.74 -16.62
N LYS A 201 0.45 -19.22 -17.74
CA LYS A 201 1.20 -19.35 -18.97
C LYS A 201 1.46 -18.04 -19.72
N ASP A 202 0.42 -17.27 -19.99
CA ASP A 202 0.62 -16.02 -20.72
C ASP A 202 -0.02 -14.78 -20.10
N VAL A 203 0.63 -14.26 -19.08
CA VAL A 203 0.13 -13.07 -18.40
C VAL A 203 1.33 -12.20 -18.12
N ASP A 204 1.08 -10.92 -17.84
CA ASP A 204 2.17 -10.00 -17.50
C ASP A 204 2.29 -10.06 -15.98
N VAL A 205 3.52 -10.15 -15.49
CA VAL A 205 3.76 -10.24 -14.07
C VAL A 205 4.66 -9.11 -13.56
N LEU A 206 4.17 -8.35 -12.59
CA LEU A 206 4.97 -7.28 -12.02
C LEU A 206 5.30 -7.70 -10.61
N CYS A 207 6.54 -7.45 -10.17
CA CYS A 207 6.95 -7.82 -8.83
C CYS A 207 7.56 -6.59 -8.15
N PHE A 208 6.90 -6.08 -7.11
CA PHE A 208 7.35 -4.90 -6.40
C PHE A 208 8.62 -5.14 -5.60
N ASP A 209 9.71 -4.45 -5.96
CA ASP A 209 10.96 -4.60 -5.23
C ASP A 209 10.80 -3.89 -3.88
N HIS A 210 11.61 -4.30 -2.90
CA HIS A 210 11.64 -3.65 -1.60
C HIS A 210 13.00 -3.88 -0.95
N ASP A 211 14.05 -3.43 -1.65
CA ASP A 211 15.43 -3.58 -1.17
C ASP A 211 15.72 -5.03 -0.85
N ASN A 212 15.33 -5.94 -1.74
CA ASN A 212 15.54 -7.36 -1.54
C ASN A 212 16.19 -8.04 -2.75
N SER A 213 17.21 -7.40 -3.31
CA SER A 213 17.90 -7.95 -4.47
C SER A 213 18.51 -9.32 -4.18
N LYS A 214 18.98 -9.51 -2.95
CA LYS A 214 19.57 -10.78 -2.56
C LYS A 214 18.58 -11.92 -2.74
N ASP A 215 17.36 -11.73 -2.25
CA ASP A 215 16.34 -12.77 -2.38
C ASP A 215 15.92 -12.99 -3.81
N MET A 216 15.73 -11.89 -4.55
CA MET A 216 15.33 -11.99 -5.95
C MET A 216 16.38 -12.77 -6.73
N ASP A 217 17.65 -12.62 -6.33
CA ASP A 217 18.72 -13.33 -7.00
C ASP A 217 18.62 -14.83 -6.76
N ALA A 218 18.45 -15.21 -5.50
CA ALA A 218 18.32 -16.60 -5.13
C ALA A 218 17.13 -17.22 -5.84
N LEU A 219 16.03 -16.49 -5.86
CA LEU A 219 14.81 -16.93 -6.50
C LEU A 219 15.03 -17.12 -7.99
N MET A 220 15.53 -16.07 -8.64
CA MET A 220 15.76 -16.11 -10.07
C MET A 220 16.87 -17.07 -10.52
N ALA A 221 17.54 -17.70 -9.56
CA ALA A 221 18.60 -18.64 -9.90
C ALA A 221 18.10 -20.08 -9.91
N THR A 222 16.97 -20.33 -9.26
CA THR A 222 16.40 -21.68 -9.22
C THR A 222 15.97 -22.11 -10.60
N PRO A 223 16.05 -23.41 -10.90
CA PRO A 223 15.64 -23.82 -12.24
C PRO A 223 14.13 -23.61 -12.43
N LEU A 224 13.39 -23.66 -11.33
CA LEU A 224 11.93 -23.48 -11.38
C LEU A 224 11.60 -22.10 -11.92
N TRP A 225 12.25 -21.07 -11.39
CA TRP A 225 11.97 -19.72 -11.86
C TRP A 225 12.30 -19.55 -13.33
N GLN A 226 13.45 -20.07 -13.74
CA GLN A 226 13.86 -19.96 -15.12
C GLN A 226 12.91 -20.74 -16.02
N ALA A 227 12.26 -21.74 -15.45
CA ALA A 227 11.32 -22.56 -16.20
C ALA A 227 9.93 -21.93 -16.30
N MET A 228 9.70 -20.89 -15.49
CA MET A 228 8.41 -20.22 -15.47
C MET A 228 7.98 -19.74 -16.87
N PRO A 229 6.81 -20.18 -17.34
CA PRO A 229 6.34 -19.76 -18.67
C PRO A 229 6.29 -18.26 -18.91
N PHE A 230 5.76 -17.48 -17.96
CA PHE A 230 5.72 -16.04 -18.19
C PHE A 230 7.13 -15.44 -18.18
N VAL A 231 8.07 -16.10 -17.49
CA VAL A 231 9.45 -15.63 -17.46
C VAL A 231 10.06 -15.89 -18.84
N ARG A 232 9.96 -17.13 -19.30
CA ARG A 232 10.50 -17.51 -20.61
C ARG A 232 9.83 -16.68 -21.71
N ALA A 233 8.57 -16.31 -21.50
CA ALA A 233 7.86 -15.51 -22.49
C ALA A 233 8.30 -14.04 -22.45
N GLY A 234 9.12 -13.70 -21.47
CA GLY A 234 9.59 -12.33 -21.33
C GLY A 234 8.54 -11.37 -20.80
N ARG A 235 7.65 -11.87 -19.95
CA ARG A 235 6.57 -11.06 -19.38
C ARG A 235 6.79 -10.68 -17.93
N PHE A 236 7.95 -11.05 -17.37
CA PHE A 236 8.22 -10.73 -15.97
C PHE A 236 8.96 -9.41 -15.83
N GLN A 237 8.54 -8.60 -14.87
CA GLN A 237 9.16 -7.30 -14.62
C GLN A 237 9.26 -6.93 -13.15
N ARG A 238 10.44 -6.51 -12.72
CA ARG A 238 10.61 -6.06 -11.35
C ARG A 238 10.32 -4.55 -11.43
N VAL A 239 9.58 -4.03 -10.45
CA VAL A 239 9.25 -2.60 -10.46
C VAL A 239 9.47 -2.01 -9.06
N PRO A 240 9.53 -0.67 -8.96
CA PRO A 240 9.75 -0.05 -7.65
C PRO A 240 8.66 -0.41 -6.64
N ALA A 241 8.98 -0.28 -5.35
CA ALA A 241 8.04 -0.58 -4.29
C ALA A 241 6.83 0.35 -4.33
N VAL A 242 5.67 -0.22 -4.04
CA VAL A 242 4.41 0.52 -3.96
C VAL A 242 3.71 -0.12 -2.76
N TRP A 243 3.23 0.70 -1.82
CA TRP A 243 2.58 0.13 -0.65
C TRP A 243 1.20 -0.38 -1.03
N PHE A 244 0.96 -1.68 -0.82
CA PHE A 244 -0.32 -2.27 -1.18
C PHE A 244 -1.46 -2.17 -0.17
N TYR A 245 -1.15 -1.66 1.02
CA TYR A 245 -2.15 -1.52 2.06
C TYR A 245 -2.35 -0.03 2.39
N GLY A 246 -2.09 0.82 1.40
CA GLY A 246 -2.22 2.26 1.61
C GLY A 246 -3.56 2.84 1.18
N ALA A 247 -3.53 4.09 0.72
CA ALA A 247 -4.74 4.77 0.27
C ALA A 247 -4.59 5.43 -1.10
N THR A 248 -5.14 6.64 -1.25
CA THR A 248 -5.08 7.33 -2.54
C THR A 248 -3.69 7.66 -3.08
N LEU A 249 -2.77 8.02 -2.20
CA LEU A 249 -1.41 8.32 -2.65
C LEU A 249 -0.73 7.05 -3.16
N SER A 250 -0.94 5.94 -2.48
CA SER A 250 -0.35 4.69 -2.90
C SER A 250 -0.97 4.28 -4.24
N ALA A 251 -2.25 4.56 -4.39
CA ALA A 251 -2.94 4.23 -5.62
C ALA A 251 -2.39 5.05 -6.78
N MET A 252 -2.08 6.33 -6.55
CA MET A 252 -1.55 7.14 -7.63
C MET A 252 -0.12 6.71 -7.96
N HIS A 253 0.62 6.30 -6.94
CA HIS A 253 1.98 5.83 -7.13
C HIS A 253 1.91 4.55 -7.96
N PHE A 254 0.93 3.71 -7.66
CA PHE A 254 0.74 2.46 -8.41
C PHE A 254 0.57 2.78 -9.90
N VAL A 255 -0.29 3.75 -10.19
CA VAL A 255 -0.55 4.15 -11.58
C VAL A 255 0.71 4.62 -12.32
N ARG A 256 1.56 5.37 -11.63
CA ARG A 256 2.80 5.84 -12.24
C ARG A 256 3.69 4.64 -12.56
N VAL A 257 3.83 3.74 -11.60
CA VAL A 257 4.65 2.54 -11.76
C VAL A 257 4.07 1.66 -12.86
N LEU A 258 2.74 1.53 -12.87
CA LEU A 258 2.02 0.72 -13.85
C LEU A 258 2.32 1.23 -15.24
N ASP A 259 2.12 2.54 -15.41
CA ASP A 259 2.33 3.20 -16.69
C ASP A 259 3.75 2.93 -17.20
N ASN A 260 4.74 3.12 -16.33
CA ASN A 260 6.11 2.91 -16.73
C ASN A 260 6.38 1.47 -17.15
N ALA A 261 5.71 0.51 -16.50
CA ALA A 261 5.91 -0.89 -16.81
C ALA A 261 5.18 -1.38 -18.06
N ILE A 262 3.89 -1.07 -18.17
CA ILE A 262 3.12 -1.51 -19.32
C ILE A 262 2.37 -0.41 -20.07
C1 CPO B . -1.55 -11.03 9.46
C2 CPO B . -2.52 -9.88 9.79
C3 CPO B . -2.58 -8.80 8.65
C4 CPO B . -1.76 -8.91 7.30
C5 CPO B . -1.71 -7.71 6.37
N1 CPO B . -0.43 -7.08 6.51
C6 CPO B . -0.34 -5.81 6.87
O1 CPO B . -1.77 -11.78 8.52
N2 CPO B . -2.12 -9.12 10.92
O2 CPO B . 0.70 -7.77 6.27
O3 CPO B . 0.74 -5.30 6.99
C7 CPO B . -0.99 -9.29 11.68
C8 CPO B . 0.02 -10.46 11.33
C9 CPO B . 1.09 -9.58 10.66
C10 CPO B . 2.21 -8.89 11.46
C11 CPO B . 3.16 -7.95 10.68
O4 CPO B . -0.74 -8.58 12.64
N3 CPO B . -0.41 -11.21 10.21
C12 CPO B . -0.47 -2.71 7.86
C13 CPO B . -1.68 -3.50 7.22
C14 CPO B . -2.90 -2.70 6.64
C15 CPO B . -3.72 -2.25 7.84
O5 CPO B . -4.60 -1.31 7.42
C16 CPO B . -1.66 -4.96 7.17
FE CPO B . 2.28 -6.63 6.82
N4 CPO B . 2.99 -7.74 9.22
C17 CPO B . 3.67 -8.48 8.35
C18 CPO B . 4.65 -9.61 8.84
C19 CPO B . 5.92 -9.44 9.24
C20 CPO B . 6.87 -10.62 9.27
C21 CPO B . 7.82 -10.57 8.03
O6 CPO B . 7.01 -10.79 6.84
O7 CPO B . 2.17 -6.83 8.78
O8 CPO B . 3.50 -8.26 7.09
C23 CPO B . 7.08 -9.60 6.01
C24 CPO B . 5.83 -9.17 5.15
C25 CPO B . 6.24 -8.36 3.90
C26 CPO B . 5.02 -7.80 3.11
C27 CPO B . 4.67 -6.36 3.59
N5 CPO B . 3.95 -6.17 4.74
C28 CPO B . 4.44 -5.47 5.71
C29 CPO B . 5.90 -4.82 5.58
C30 CPO B . 6.90 -5.11 6.72
C31 CPO B . 8.44 -5.20 6.29
C32 CPO B . 9.34 -4.98 7.56
O9 CPO B . 9.92 -6.26 7.91
O10 CPO B . 8.12 -8.90 5.99
O11 CPO B . 2.71 -6.69 4.88
O12 CPO B . 3.77 -5.30 6.72
C33 CPO B . 6.43 -5.96 7.79
N6 CPO B . 5.36 -10.34 4.62
C34 CPO B . 4.34 -11.14 5.04
O13 CPO B . 3.22 -10.63 5.39
C35 CPO B . 4.53 -12.67 5.08
#